data_3HLS
#
_entry.id   3HLS
#
_cell.length_a   152.039
_cell.length_b   65.814
_cell.length_c   98.626
_cell.angle_alpha   90.00
_cell.angle_beta   129.95
_cell.angle_gamma   90.00
#
_symmetry.space_group_name_H-M   'C 1 2 1'
#
loop_
_entity.id
_entity.type
_entity.pdbx_description
1 polymer 'Guanylate cyclase soluble subunit beta-1'
2 water water
#
_entity_poly.entity_id   1
_entity_poly.type   'polypeptide(L)'
_entity_poly.pdbx_seq_one_letter_code
;GSH(MSE)ATRDLVLLGEQFREEYKLTQELE(MSE)LTDRLQLTLRALEDEKKKTDTLLYSVLPPSVANELRHK
;
_entity_poly.pdbx_strand_id   A,B,C,D,E,F,G,H
#
# COMPACT_ATOMS: atom_id res chain seq x y z
N GLY A 1 -30.32 45.09 0.23
CA GLY A 1 -28.96 44.67 -0.22
C GLY A 1 -28.21 43.82 0.80
N SER A 2 -27.14 43.17 0.33
CA SER A 2 -26.22 42.45 1.21
C SER A 2 -25.23 43.41 1.87
N HIS A 3 -24.55 42.93 2.91
CA HIS A 3 -23.65 43.80 3.64
C HIS A 3 -22.34 43.12 3.95
N ALA A 5 -18.95 43.93 4.12
CA ALA A 5 -17.91 44.96 4.21
C ALA A 5 -16.53 44.32 4.08
N THR A 6 -15.50 45.16 3.95
CA THR A 6 -14.12 44.70 3.86
C THR A 6 -13.73 43.87 5.08
N ARG A 7 -14.21 44.28 6.27
CA ARG A 7 -13.98 43.51 7.48
C ARG A 7 -14.47 42.05 7.36
N ASP A 8 -15.71 41.88 6.88
CA ASP A 8 -16.31 40.56 6.75
C ASP A 8 -15.56 39.72 5.74
N LEU A 9 -15.14 40.34 4.64
CA LEU A 9 -14.41 39.64 3.62
C LEU A 9 -13.05 39.13 4.13
N VAL A 10 -12.34 39.98 4.86
CA VAL A 10 -11.03 39.63 5.37
C VAL A 10 -11.17 38.49 6.38
N LEU A 11 -12.15 38.62 7.26
CA LEU A 11 -12.40 37.63 8.30
C LEU A 11 -12.82 36.27 7.75
N LEU A 12 -13.55 36.28 6.64
CA LEU A 12 -13.97 35.04 5.98
C LEU A 12 -12.76 34.33 5.38
N GLY A 13 -11.87 35.13 4.79
CA GLY A 13 -10.55 34.66 4.36
C GLY A 13 -9.77 34.00 5.49
N GLU A 14 -9.79 34.63 6.67
CA GLU A 14 -9.13 34.06 7.86
C GLU A 14 -9.79 32.78 8.37
N GLN A 15 -11.12 32.70 8.29
CA GLN A 15 -11.88 31.50 8.63
C GLN A 15 -11.49 30.33 7.72
N PHE A 16 -11.37 30.60 6.42
CA PHE A 16 -11.01 29.56 5.47
C PHE A 16 -9.62 28.99 5.71
N ARG A 17 -8.65 29.85 6.04
CA ARG A 17 -7.33 29.38 6.30
C ARG A 17 -7.18 28.68 7.65
N GLU A 18 -7.96 29.10 8.65
CA GLU A 18 -7.98 28.40 9.94
C GLU A 18 -8.48 26.97 9.74
N GLU A 19 -9.49 26.82 8.89
CA GLU A 19 -10.06 25.52 8.57
C GLU A 19 -9.10 24.62 7.79
N TYR A 20 -8.40 25.17 6.79
CA TYR A 20 -7.35 24.43 6.08
C TYR A 20 -6.24 23.95 7.02
N LYS A 21 -5.88 24.76 8.02
CA LYS A 21 -4.88 24.33 9.00
C LYS A 21 -5.34 23.11 9.77
N LEU A 22 -6.64 23.03 10.02
CA LEU A 22 -7.21 21.92 10.75
C LEU A 22 -7.28 20.66 9.88
N THR A 23 -7.68 20.84 8.63
CA THR A 23 -7.72 19.71 7.69
C THR A 23 -6.32 19.16 7.39
N GLN A 24 -5.31 20.03 7.42
CA GLN A 24 -3.91 19.63 7.29
C GLN A 24 -3.44 18.82 8.50
N GLU A 25 -3.89 19.19 9.69
CA GLU A 25 -3.63 18.37 10.86
C GLU A 25 -4.38 17.02 10.77
N LEU A 26 -5.58 17.01 10.22
CA LEU A 26 -6.33 15.75 10.02
C LEU A 26 -5.63 14.79 9.05
N GLU A 27 -5.09 15.36 7.98
CA GLU A 27 -4.33 14.58 6.99
C GLU A 27 -3.06 14.00 7.60
N LEU A 29 -2.56 13.28 10.80
CA LEU A 29 -2.93 12.27 11.78
C LEU A 29 -3.32 10.94 11.12
N THR A 30 -4.02 11.05 9.99
CA THR A 30 -4.48 9.91 9.19
C THR A 30 -3.30 9.22 8.51
N ASP A 31 -2.34 10.00 8.02
CA ASP A 31 -1.06 9.47 7.54
C ASP A 31 -0.35 8.62 8.61
N ARG A 32 -0.24 9.17 9.82
CA ARG A 32 0.34 8.46 10.97
C ARG A 32 -0.42 7.21 11.36
N LEU A 33 -1.75 7.29 11.32
CA LEU A 33 -2.59 6.08 11.49
C LEU A 33 -2.22 4.98 10.52
N GLN A 34 -2.07 5.32 9.24
CA GLN A 34 -1.75 4.30 8.25
C GLN A 34 -0.34 3.73 8.38
N LEU A 35 0.60 4.59 8.75
CA LEU A 35 1.95 4.18 9.08
C LEU A 35 1.98 3.26 10.33
N THR A 36 1.18 3.58 11.36
CA THR A 36 1.12 2.75 12.54
C THR A 36 0.44 1.39 12.25
N LEU A 37 -0.58 1.40 11.39
CA LEU A 37 -1.25 0.16 10.99
C LEU A 37 -0.30 -0.77 10.24
N ARG A 38 0.50 -0.20 9.34
CA ARG A 38 1.53 -0.93 8.60
C ARG A 38 2.59 -1.54 9.53
N ALA A 39 3.00 -0.81 10.56
CA ALA A 39 3.94 -1.35 11.54
C ALA A 39 3.32 -2.52 12.32
N LEU A 40 2.03 -2.40 12.62
CA LEU A 40 1.33 -3.48 13.31
C LEU A 40 1.19 -4.74 12.44
N GLU A 41 0.91 -4.55 11.15
CA GLU A 41 0.90 -5.65 10.17
C GLU A 41 2.27 -6.34 10.13
N ASP A 42 3.34 -5.54 10.11
CA ASP A 42 4.70 -6.06 10.14
C ASP A 42 5.02 -6.85 11.39
N GLU A 43 4.58 -6.35 12.54
CA GLU A 43 4.75 -7.04 13.82
C GLU A 43 3.89 -8.30 13.91
N LYS A 44 2.66 -8.22 13.39
CA LYS A 44 1.77 -9.38 13.40
C LYS A 44 2.29 -10.57 12.59
N LYS A 45 2.99 -10.33 11.48
CA LYS A 45 3.54 -11.44 10.71
C LYS A 45 4.73 -12.11 11.39
N LYS A 46 5.48 -11.37 12.21
CA LYS A 46 6.55 -11.95 13.04
C LYS A 46 5.99 -12.84 14.15
N THR A 47 4.93 -12.36 14.80
CA THR A 47 4.22 -13.11 15.84
C THR A 47 3.63 -14.41 15.27
N ASP A 48 3.05 -14.28 14.08
CA ASP A 48 2.38 -15.38 13.38
C ASP A 48 3.40 -16.47 13.03
N THR A 49 4.51 -16.06 12.44
CA THR A 49 5.62 -16.96 12.11
C THR A 49 6.10 -17.73 13.36
N LEU A 50 6.23 -17.01 14.48
CA LEU A 50 6.66 -17.60 15.76
C LEU A 50 5.69 -18.69 16.24
N LEU A 51 4.40 -18.42 16.07
CA LEU A 51 3.32 -19.34 16.46
C LEU A 51 3.22 -20.59 15.59
N TYR A 52 3.42 -20.46 14.28
CA TYR A 52 3.52 -21.63 13.39
C TYR A 52 4.78 -22.44 13.68
N SER A 53 5.90 -21.74 13.93
CA SER A 53 7.24 -22.35 14.09
C SER A 53 7.38 -23.33 15.25
N VAL A 54 6.56 -23.15 16.28
CA VAL A 54 6.63 -24.01 17.47
C VAL A 54 5.82 -25.30 17.35
N LEU A 55 5.01 -25.40 16.29
CA LEU A 55 4.19 -26.58 15.99
C LEU A 55 4.99 -27.62 15.23
N PRO A 56 4.61 -28.91 15.37
CA PRO A 56 5.08 -29.97 14.47
C PRO A 56 4.74 -29.56 13.05
N PRO A 57 5.69 -29.69 12.11
CA PRO A 57 5.50 -29.17 10.76
C PRO A 57 4.17 -29.57 10.11
N SER A 58 3.76 -30.82 10.31
CA SER A 58 2.53 -31.36 9.71
C SER A 58 1.30 -30.57 10.17
N VAL A 59 1.21 -30.33 11.47
CA VAL A 59 0.13 -29.53 12.07
C VAL A 59 0.08 -28.13 11.47
N ALA A 60 1.23 -27.45 11.43
CA ALA A 60 1.32 -26.09 10.83
C ALA A 60 0.87 -26.07 9.36
N ASN A 61 1.40 -27.01 8.57
CA ASN A 61 0.98 -27.25 7.19
C ASN A 61 -0.55 -27.42 7.07
N GLU A 62 -1.12 -28.23 7.96
CA GLU A 62 -2.57 -28.47 8.01
C GLU A 62 -3.39 -27.21 8.31
N LEU A 63 -2.95 -26.42 9.29
CA LEU A 63 -3.58 -25.12 9.58
C LEU A 63 -3.44 -24.12 8.43
N ARG A 64 -2.33 -24.20 7.70
CA ARG A 64 -2.05 -23.27 6.59
C ARG A 64 -3.01 -23.40 5.41
N HIS A 65 -3.65 -24.56 5.28
CA HIS A 65 -4.75 -24.75 4.32
C HIS A 65 -6.06 -24.20 4.86
N HIS B 3 7.16 -28.21 20.10
CA HIS B 3 8.52 -27.72 20.48
C HIS B 3 8.58 -26.21 20.72
N ALA B 5 10.30 -23.92 23.12
CA ALA B 5 11.36 -23.71 24.11
C ALA B 5 11.12 -22.43 24.92
N THR B 6 11.97 -22.20 25.92
CA THR B 6 11.86 -21.02 26.80
C THR B 6 12.03 -19.73 25.99
N ARG B 7 13.00 -19.75 25.07
CA ARG B 7 13.24 -18.67 24.13
C ARG B 7 11.98 -18.26 23.36
N ASP B 8 11.28 -19.23 22.77
CA ASP B 8 10.08 -18.96 21.97
C ASP B 8 8.95 -18.40 22.82
N LEU B 9 8.82 -18.88 24.05
CA LEU B 9 7.81 -18.40 24.96
C LEU B 9 8.05 -16.95 25.40
N VAL B 10 9.29 -16.65 25.78
CA VAL B 10 9.67 -15.29 26.14
C VAL B 10 9.43 -14.37 24.96
N LEU B 11 9.84 -14.83 23.78
CA LEU B 11 9.75 -14.02 22.58
C LEU B 11 8.31 -13.80 22.13
N LEU B 12 7.43 -14.77 22.41
CA LEU B 12 6.01 -14.59 22.15
C LEU B 12 5.42 -13.52 23.07
N GLY B 13 5.79 -13.57 24.34
CA GLY B 13 5.46 -12.53 25.31
C GLY B 13 5.87 -11.15 24.85
N GLU B 14 7.08 -11.02 24.32
CA GLU B 14 7.59 -9.76 23.79
C GLU B 14 6.86 -9.28 22.54
N GLN B 15 6.47 -10.23 21.68
CA GLN B 15 5.65 -9.90 20.51
C GLN B 15 4.31 -9.29 20.88
N PHE B 16 3.66 -9.86 21.89
CA PHE B 16 2.37 -9.34 22.36
C PHE B 16 2.50 -7.92 22.93
N ARG B 17 3.60 -7.68 23.62
CA ARG B 17 3.92 -6.39 24.20
C ARG B 17 4.22 -5.32 23.13
N GLU B 18 4.91 -5.70 22.06
CA GLU B 18 5.18 -4.81 20.95
C GLU B 18 3.91 -4.42 20.21
N GLU B 19 3.01 -5.39 20.04
CA GLU B 19 1.74 -5.11 19.39
C GLU B 19 0.85 -4.18 20.23
N TYR B 20 0.88 -4.36 21.56
CA TYR B 20 0.18 -3.47 22.50
C TYR B 20 0.70 -2.02 22.46
N LYS B 21 2.01 -1.84 22.37
CA LYS B 21 2.56 -0.49 22.18
C LYS B 21 1.99 0.17 20.93
N LEU B 22 1.81 -0.62 19.87
CA LEU B 22 1.29 -0.10 18.59
C LEU B 22 -0.20 0.23 18.67
N THR B 23 -0.96 -0.55 19.43
CA THR B 23 -2.39 -0.25 19.52
C THR B 23 -2.63 0.94 20.44
N GLN B 24 -1.74 1.12 21.41
CA GLN B 24 -1.72 2.32 22.27
C GLN B 24 -1.47 3.59 21.44
N GLU B 25 -0.56 3.50 20.46
CA GLU B 25 -0.32 4.62 19.55
C GLU B 25 -1.54 4.90 18.65
N LEU B 26 -2.23 3.86 18.21
CA LEU B 26 -3.45 3.98 17.40
C LEU B 26 -4.57 4.66 18.17
N GLU B 27 -4.66 4.36 19.46
CA GLU B 27 -5.64 4.99 20.34
C GLU B 27 -5.33 6.45 20.57
N LEU B 29 -3.71 8.41 18.57
CA LEU B 29 -3.91 9.06 17.27
C LEU B 29 -5.38 9.32 16.95
N THR B 30 -6.21 8.32 17.24
CA THR B 30 -7.63 8.40 17.00
C THR B 30 -8.32 9.35 17.98
N ASP B 31 -7.82 9.41 19.22
CA ASP B 31 -8.30 10.36 20.24
C ASP B 31 -8.06 11.77 19.75
N ARG B 32 -6.84 12.03 19.25
CA ARG B 32 -6.46 13.32 18.72
C ARG B 32 -7.23 13.68 17.44
N LEU B 33 -7.46 12.70 16.59
CA LEU B 33 -8.26 12.87 15.38
C LEU B 33 -9.67 13.34 15.72
N GLN B 34 -10.27 12.75 16.76
CA GLN B 34 -11.60 13.14 17.21
C GLN B 34 -11.64 14.53 17.82
N LEU B 35 -10.57 14.92 18.51
CA LEU B 35 -10.46 16.27 19.04
C LEU B 35 -10.23 17.33 17.96
N THR B 36 -9.45 16.98 16.96
CA THR B 36 -9.22 17.89 15.83
C THR B 36 -10.47 18.06 14.95
N LEU B 37 -11.25 16.99 14.80
CA LEU B 37 -12.57 17.10 14.15
C LEU B 37 -13.53 18.03 14.89
N ARG B 38 -13.55 17.91 16.22
CA ARG B 38 -14.34 18.80 17.06
C ARG B 38 -13.89 20.27 16.94
N ALA B 39 -12.58 20.49 16.85
CA ALA B 39 -12.05 21.82 16.61
C ALA B 39 -12.48 22.39 15.25
N LEU B 40 -12.51 21.55 14.23
CA LEU B 40 -13.04 21.93 12.92
C LEU B 40 -14.54 22.25 12.96
N GLU B 41 -15.34 21.41 13.63
CA GLU B 41 -16.74 21.69 13.86
C GLU B 41 -16.94 23.08 14.51
N ASP B 42 -16.16 23.39 15.53
CA ASP B 42 -16.26 24.68 16.20
C ASP B 42 -15.85 25.87 15.32
N GLU B 43 -14.79 25.68 14.54
CA GLU B 43 -14.39 26.68 13.55
C GLU B 43 -15.47 26.87 12.51
N LYS B 44 -16.08 25.78 12.05
CA LYS B 44 -17.10 25.86 11.01
C LYS B 44 -18.35 26.62 11.48
N LYS B 45 -18.66 26.48 12.77
CA LYS B 45 -19.82 27.19 13.34
C LYS B 45 -19.63 28.69 13.23
N LYS B 46 -18.41 29.15 13.51
CA LYS B 46 -18.03 30.54 13.38
C LYS B 46 -18.08 31.04 11.93
N THR B 47 -17.56 30.25 10.99
CA THR B 47 -17.59 30.56 9.57
C THR B 47 -19.04 30.69 9.04
N ASP B 48 -19.87 29.72 9.39
CA ASP B 48 -21.27 29.70 9.00
C ASP B 48 -22.00 30.94 9.51
N THR B 49 -21.81 31.29 10.78
CA THR B 49 -22.35 32.51 11.36
C THR B 49 -21.96 33.75 10.55
N LEU B 50 -20.66 33.87 10.23
CA LEU B 50 -20.15 34.95 9.38
C LEU B 50 -20.80 34.98 7.99
N LEU B 51 -20.96 33.83 7.36
CA LEU B 51 -21.66 33.74 6.06
C LEU B 51 -23.14 34.20 6.09
N TYR B 52 -23.87 33.81 7.15
CA TYR B 52 -25.25 34.29 7.34
C TYR B 52 -25.37 35.77 7.68
N SER B 53 -24.35 36.30 8.36
CA SER B 53 -24.37 37.67 8.89
C SER B 53 -24.34 38.74 7.80
N VAL B 54 -23.78 38.42 6.64
CA VAL B 54 -23.67 39.39 5.53
C VAL B 54 -24.93 39.45 4.65
N LEU B 55 -25.84 38.51 4.86
CA LEU B 55 -27.09 38.41 4.07
C LEU B 55 -28.20 39.32 4.59
N PRO B 56 -29.10 39.75 3.68
CA PRO B 56 -30.39 40.35 4.07
C PRO B 56 -31.16 39.32 4.91
N PRO B 57 -31.79 39.76 6.01
CA PRO B 57 -32.46 38.82 6.91
C PRO B 57 -33.51 37.88 6.29
N SER B 58 -34.30 38.36 5.34
CA SER B 58 -35.32 37.48 4.72
C SER B 58 -34.66 36.36 3.89
N VAL B 59 -33.50 36.65 3.31
CA VAL B 59 -32.73 35.65 2.57
C VAL B 59 -32.08 34.64 3.53
N ALA B 60 -31.41 35.15 4.57
CA ALA B 60 -30.94 34.29 5.66
C ALA B 60 -32.02 33.35 6.19
N ASN B 61 -33.16 33.93 6.54
CA ASN B 61 -34.33 33.19 6.96
C ASN B 61 -34.69 32.07 5.99
N GLU B 62 -34.81 32.42 4.71
CA GLU B 62 -35.13 31.46 3.65
C GLU B 62 -34.16 30.28 3.61
N LEU B 63 -32.86 30.55 3.76
CA LEU B 63 -31.85 29.47 3.76
C LEU B 63 -31.85 28.55 4.97
N ARG B 64 -32.28 29.06 6.13
CA ARG B 64 -32.24 28.26 7.36
C ARG B 64 -33.30 27.16 7.33
N HIS B 65 -34.38 27.43 6.59
CA HIS B 65 -35.46 26.47 6.29
C HIS B 65 -36.61 26.53 7.32
N SER C 2 -21.40 46.59 -0.35
CA SER C 2 -21.04 45.13 -0.33
C SER C 2 -20.04 44.77 -1.44
N HIS C 3 -19.03 43.98 -1.09
CA HIS C 3 -18.14 43.39 -2.08
C HIS C 3 -18.81 42.32 -2.95
N ALA C 5 -22.69 40.50 -4.34
CA ALA C 5 -24.15 40.50 -4.44
C ALA C 5 -24.75 39.36 -3.60
N THR C 6 -25.95 39.61 -3.08
CA THR C 6 -26.72 38.63 -2.32
C THR C 6 -26.76 37.27 -3.00
N ARG C 7 -27.10 37.25 -4.30
CA ARG C 7 -27.19 35.97 -5.00
C ARG C 7 -25.88 35.17 -4.94
N ASP C 8 -24.75 35.85 -5.09
CA ASP C 8 -23.41 35.22 -4.97
C ASP C 8 -23.04 34.72 -3.55
N LEU C 9 -23.48 35.44 -2.53
CA LEU C 9 -23.31 35.03 -1.14
C LEU C 9 -24.14 33.82 -0.76
N VAL C 10 -25.33 33.69 -1.35
CA VAL C 10 -26.19 32.53 -1.21
C VAL C 10 -25.45 31.32 -1.78
N LEU C 11 -24.91 31.47 -2.97
CA LEU C 11 -24.18 30.36 -3.60
C LEU C 11 -22.96 29.93 -2.77
N LEU C 12 -22.18 30.92 -2.30
CA LEU C 12 -20.99 30.67 -1.49
C LEU C 12 -21.32 29.97 -0.17
N GLY C 13 -22.26 30.54 0.59
CA GLY C 13 -22.75 29.93 1.81
C GLY C 13 -23.28 28.54 1.62
N GLU C 14 -24.08 28.33 0.58
CA GLU C 14 -24.62 27.00 0.32
C GLU C 14 -23.56 25.98 -0.10
N GLN C 15 -22.55 26.43 -0.84
CA GLN C 15 -21.42 25.56 -1.21
C GLN C 15 -20.59 25.22 0.03
N PHE C 16 -20.29 26.22 0.85
CA PHE C 16 -19.65 25.98 2.15
C PHE C 16 -20.34 24.87 2.95
N ARG C 17 -21.67 24.96 3.05
CA ARG C 17 -22.45 24.01 3.81
C ARG C 17 -22.43 22.57 3.27
N GLU C 18 -22.10 22.39 1.99
CA GLU C 18 -21.86 21.06 1.42
C GLU C 18 -20.72 20.33 2.15
N GLU C 19 -19.76 21.08 2.69
CA GLU C 19 -18.62 20.50 3.42
C GLU C 19 -19.03 19.69 4.65
N TYR C 20 -20.12 20.10 5.31
CA TYR C 20 -20.69 19.36 6.46
C TYR C 20 -20.99 17.91 6.23
N LYS C 21 -21.40 17.56 5.01
CA LYS C 21 -21.69 16.18 4.67
C LYS C 21 -20.42 15.32 4.82
N LEU C 22 -19.28 15.93 4.45
CA LEU C 22 -17.97 15.28 4.51
C LEU C 22 -17.38 15.23 5.92
N THR C 23 -17.49 16.31 6.69
CA THR C 23 -17.00 16.29 8.08
C THR C 23 -17.84 15.35 8.93
N GLN C 24 -19.13 15.22 8.60
CA GLN C 24 -20.04 14.25 9.25
C GLN C 24 -19.62 12.81 9.01
N GLU C 25 -19.19 12.52 7.79
CA GLU C 25 -18.66 11.23 7.42
C GLU C 25 -17.34 10.89 8.14
N LEU C 26 -16.39 11.83 8.18
CA LEU C 26 -15.17 11.71 9.01
C LEU C 26 -15.48 11.41 10.48
N GLU C 27 -16.46 12.12 11.05
CA GLU C 27 -16.88 11.83 12.42
C GLU C 27 -17.42 10.40 12.59
N LEU C 29 -16.77 7.84 10.61
CA LEU C 29 -15.63 6.93 10.39
C LEU C 29 -14.73 6.83 11.61
N THR C 30 -14.54 7.95 12.29
CA THR C 30 -13.69 8.02 13.47
C THR C 30 -14.36 7.32 14.65
N ASP C 31 -15.67 7.48 14.80
CA ASP C 31 -16.44 6.68 15.76
C ASP C 31 -16.25 5.19 15.56
N ARG C 32 -16.34 4.74 14.31
CA ARG C 32 -16.15 3.34 13.97
C ARG C 32 -14.74 2.86 14.27
N LEU C 33 -13.75 3.71 14.00
CA LEU C 33 -12.36 3.39 14.32
C LEU C 33 -12.20 3.07 15.80
N GLN C 34 -12.75 3.93 16.63
CA GLN C 34 -12.71 3.74 18.08
C GLN C 34 -13.44 2.49 18.55
N LEU C 35 -14.57 2.19 17.94
CA LEU C 35 -15.26 0.94 18.22
C LEU C 35 -14.38 -0.25 17.85
N THR C 36 -13.81 -0.24 16.65
CA THR C 36 -12.96 -1.35 16.23
C THR C 36 -11.73 -1.50 17.14
N LEU C 37 -11.19 -0.38 17.61
CA LEU C 37 -10.06 -0.41 18.51
C LEU C 37 -10.37 -1.07 19.87
N ARG C 38 -11.55 -0.76 20.43
CA ARG C 38 -12.09 -1.44 21.63
C ARG C 38 -12.23 -2.95 21.45
N ALA C 39 -12.84 -3.34 20.34
CA ALA C 39 -12.95 -4.75 19.97
C ALA C 39 -11.60 -5.45 19.83
N LEU C 40 -10.59 -4.76 19.27
CA LEU C 40 -9.26 -5.34 19.06
C LEU C 40 -8.63 -5.65 20.41
N GLU C 41 -8.76 -4.70 21.32
CA GLU C 41 -8.34 -4.84 22.71
C GLU C 41 -8.93 -6.08 23.38
N ASP C 42 -10.24 -6.30 23.22
CA ASP C 42 -10.91 -7.53 23.68
C ASP C 42 -10.30 -8.78 23.05
N GLU C 43 -10.20 -8.76 21.73
CA GLU C 43 -9.58 -9.86 21.01
C GLU C 43 -8.15 -10.14 21.52
N LYS C 44 -7.38 -9.08 21.79
CA LYS C 44 -6.02 -9.23 22.35
C LYS C 44 -5.99 -9.83 23.76
N LYS C 45 -7.01 -9.51 24.58
CA LYS C 45 -7.17 -10.15 25.91
C LYS C 45 -7.43 -11.66 25.82
N LYS C 46 -8.32 -12.05 24.92
CA LYS C 46 -8.59 -13.46 24.66
C LYS C 46 -7.33 -14.22 24.23
N THR C 47 -6.48 -13.56 23.43
CA THR C 47 -5.21 -14.15 23.01
C THR C 47 -4.28 -14.29 24.22
N ASP C 48 -4.20 -13.25 25.04
CA ASP C 48 -3.41 -13.26 26.25
C ASP C 48 -3.74 -14.46 27.12
N THR C 49 -5.04 -14.71 27.30
CA THR C 49 -5.53 -15.77 28.18
C THR C 49 -5.09 -17.16 27.69
N LEU C 50 -5.28 -17.43 26.40
CA LEU C 50 -4.79 -18.68 25.79
C LEU C 50 -3.27 -18.88 25.93
N LEU C 51 -2.57 -17.84 26.38
CA LEU C 51 -1.15 -17.95 26.68
C LEU C 51 -0.91 -18.08 28.18
N TYR C 52 -1.28 -17.04 28.93
CA TYR C 52 -0.92 -16.96 30.34
C TYR C 52 -1.72 -17.92 31.21
N SER C 53 -3.02 -18.05 30.93
CA SER C 53 -3.87 -18.96 31.71
C SER C 53 -3.57 -20.44 31.46
N VAL C 54 -2.96 -20.74 30.32
CA VAL C 54 -2.67 -22.13 29.92
C VAL C 54 -1.33 -22.64 30.45
N LEU C 55 -0.44 -21.72 30.84
CA LEU C 55 0.88 -22.06 31.37
C LEU C 55 0.83 -22.44 32.87
N PRO C 56 1.84 -23.20 33.34
CA PRO C 56 2.02 -23.43 34.78
C PRO C 56 2.15 -22.09 35.52
N PRO C 57 1.38 -21.91 36.61
CA PRO C 57 1.23 -20.60 37.28
C PRO C 57 2.54 -19.86 37.52
N SER C 58 3.61 -20.58 37.89
CA SER C 58 4.91 -19.95 38.13
C SER C 58 5.62 -19.49 36.84
N VAL C 59 5.47 -20.28 35.77
CA VAL C 59 6.04 -19.94 34.46
C VAL C 59 5.40 -18.67 33.89
N ALA C 60 4.08 -18.58 33.99
CA ALA C 60 3.33 -17.43 33.47
C ALA C 60 3.72 -16.12 34.14
N ASN C 61 4.03 -16.19 35.44
CA ASN C 61 4.35 -14.99 36.22
C ASN C 61 5.77 -14.46 36.00
N GLU C 62 6.69 -15.36 35.64
CA GLU C 62 8.05 -14.98 35.25
C GLU C 62 8.03 -14.30 33.88
N LEU C 63 7.11 -14.74 33.03
CA LEU C 63 6.89 -14.16 31.70
C LEU C 63 6.39 -12.72 31.80
N ARG C 64 5.68 -12.43 32.89
CA ARG C 64 5.20 -11.08 33.20
C ARG C 64 6.34 -10.25 33.80
N SER D 2 9.56 -27.93 25.90
CA SER D 2 8.21 -27.81 25.26
C SER D 2 7.16 -27.36 26.28
N HIS D 3 6.95 -26.05 26.37
CA HIS D 3 6.13 -25.43 27.42
C HIS D 3 4.62 -25.58 27.22
N ALA D 5 1.34 -27.73 25.08
CA ALA D 5 0.87 -28.84 24.27
C ALA D 5 0.46 -28.31 22.90
N THR D 6 0.76 -29.10 21.86
CA THR D 6 0.42 -28.78 20.47
C THR D 6 -1.03 -28.25 20.30
N ARG D 7 -1.98 -28.93 20.92
CA ARG D 7 -3.39 -28.53 20.83
C ARG D 7 -3.61 -27.09 21.33
N ASP D 8 -2.94 -26.72 22.43
CA ASP D 8 -3.05 -25.37 23.00
C ASP D 8 -2.41 -24.28 22.11
N LEU D 9 -1.29 -24.64 21.49
CA LEU D 9 -0.63 -23.76 20.51
C LEU D 9 -1.47 -23.53 19.28
N VAL D 10 -2.16 -24.57 18.82
CA VAL D 10 -3.11 -24.43 17.72
C VAL D 10 -4.18 -23.39 18.09
N LEU D 11 -4.75 -23.54 19.28
CA LEU D 11 -5.79 -22.61 19.77
C LEU D 11 -5.30 -21.16 19.97
N LEU D 12 -4.10 -21.02 20.56
CA LEU D 12 -3.53 -19.69 20.74
C LEU D 12 -3.30 -19.04 19.37
N GLY D 13 -2.57 -19.76 18.52
CA GLY D 13 -2.26 -19.34 17.15
C GLY D 13 -3.49 -18.94 16.34
N GLU D 14 -4.50 -19.81 16.35
CA GLU D 14 -5.74 -19.50 15.63
C GLU D 14 -6.50 -18.28 16.21
N GLN D 15 -6.59 -18.19 17.54
CA GLN D 15 -7.13 -16.96 18.20
C GLN D 15 -6.33 -15.66 17.88
N PHE D 16 -5.00 -15.74 17.94
CA PHE D 16 -4.18 -14.61 17.47
C PHE D 16 -4.59 -14.22 16.03
N ARG D 17 -4.70 -15.21 15.15
CA ARG D 17 -5.10 -14.99 13.75
C ARG D 17 -6.50 -14.36 13.59
N GLU D 18 -7.38 -14.55 14.57
CA GLU D 18 -8.66 -13.83 14.60
C GLU D 18 -8.45 -12.33 14.51
N GLU D 19 -7.37 -11.83 15.13
CA GLU D 19 -7.13 -10.37 15.25
C GLU D 19 -7.03 -9.65 13.92
N TYR D 20 -6.60 -10.36 12.87
CA TYR D 20 -6.50 -9.80 11.51
C TYR D 20 -7.80 -9.21 10.97
N LYS D 21 -8.93 -9.77 11.43
CA LYS D 21 -10.25 -9.27 11.01
C LYS D 21 -10.45 -7.83 11.46
N LEU D 22 -9.98 -7.53 12.67
CA LEU D 22 -10.17 -6.21 13.23
C LEU D 22 -9.17 -5.22 12.65
N THR D 23 -7.93 -5.64 12.47
CA THR D 23 -6.89 -4.78 11.86
C THR D 23 -7.19 -4.51 10.39
N GLN D 24 -7.77 -5.50 9.71
CA GLN D 24 -8.25 -5.31 8.36
C GLN D 24 -9.41 -4.30 8.30
N GLU D 25 -10.32 -4.35 9.28
CA GLU D 25 -11.33 -3.30 9.41
C GLU D 25 -10.76 -1.91 9.73
N LEU D 26 -9.71 -1.85 10.55
CA LEU D 26 -9.02 -0.56 10.82
C LEU D 26 -8.44 0.05 9.56
N GLU D 27 -7.79 -0.78 8.73
CA GLU D 27 -7.23 -0.38 7.44
C GLU D 27 -8.28 0.13 6.44
N LEU D 29 -11.35 1.33 7.21
CA LEU D 29 -11.80 2.60 7.77
C LEU D 29 -10.83 3.75 7.54
N THR D 30 -9.54 3.49 7.67
CA THR D 30 -8.53 4.52 7.51
C THR D 30 -8.38 4.93 6.04
N ASP D 31 -8.56 3.97 5.14
CA ASP D 31 -8.55 4.24 3.69
C ASP D 31 -9.74 5.13 3.33
N ARG D 32 -10.87 4.88 3.98
CA ARG D 32 -12.07 5.71 3.80
C ARG D 32 -11.94 7.12 4.38
N LEU D 33 -11.23 7.25 5.49
CA LEU D 33 -10.91 8.57 6.06
C LEU D 33 -10.12 9.40 5.07
N GLN D 34 -9.12 8.79 4.47
CA GLN D 34 -8.27 9.46 3.52
C GLN D 34 -8.99 9.89 2.26
N LEU D 35 -9.89 9.04 1.79
CA LEU D 35 -10.72 9.37 0.64
C LEU D 35 -11.72 10.50 0.97
N THR D 36 -12.31 10.50 2.16
CA THR D 36 -13.20 11.59 2.59
C THR D 36 -12.41 12.90 2.70
N LEU D 37 -11.17 12.82 3.20
CA LEU D 37 -10.31 13.99 3.33
C LEU D 37 -9.93 14.60 1.96
N ARG D 38 -9.67 13.74 0.98
CA ARG D 38 -9.46 14.21 -0.40
C ARG D 38 -10.71 14.88 -0.95
N ALA D 39 -11.87 14.28 -0.69
CA ALA D 39 -13.13 14.86 -1.14
C ALA D 39 -13.42 16.20 -0.44
N LEU D 40 -12.94 16.36 0.79
CA LEU D 40 -13.15 17.60 1.54
C LEU D 40 -12.26 18.70 1.03
N GLU D 41 -11.02 18.33 0.70
CA GLU D 41 -10.13 19.24 0.02
C GLU D 41 -10.76 19.69 -1.29
N ASP D 42 -11.30 18.73 -2.06
CA ASP D 42 -12.01 19.05 -3.30
C ASP D 42 -13.16 20.03 -3.07
N GLU D 43 -14.04 19.74 -2.11
CA GLU D 43 -15.15 20.66 -1.80
C GLU D 43 -14.64 22.04 -1.36
N LYS D 44 -13.56 22.07 -0.58
CA LYS D 44 -13.00 23.32 -0.09
C LYS D 44 -12.49 24.24 -1.20
N LYS D 45 -11.93 23.65 -2.26
CA LYS D 45 -11.48 24.40 -3.44
C LYS D 45 -12.64 24.98 -4.25
N LYS D 46 -13.73 24.24 -4.36
CA LYS D 46 -14.95 24.76 -4.98
C LYS D 46 -15.49 25.93 -4.15
N THR D 47 -15.44 25.82 -2.82
CA THR D 47 -15.85 26.94 -1.98
C THR D 47 -15.00 28.16 -2.25
N ASP D 48 -13.68 27.96 -2.28
CA ASP D 48 -12.71 29.03 -2.58
C ASP D 48 -13.02 29.73 -3.90
N THR D 49 -13.39 28.93 -4.90
CA THR D 49 -13.71 29.44 -6.23
C THR D 49 -14.91 30.40 -6.15
N LEU D 50 -15.95 30.00 -5.43
CA LEU D 50 -17.12 30.87 -5.25
C LEU D 50 -16.90 32.17 -4.47
N LEU D 51 -15.72 32.30 -3.85
CA LEU D 51 -15.35 33.55 -3.19
C LEU D 51 -14.45 34.38 -4.10
N TYR D 52 -13.31 33.80 -4.44
CA TYR D 52 -12.23 34.51 -5.12
C TYR D 52 -12.52 34.86 -6.58
N SER D 53 -13.19 33.95 -7.29
CA SER D 53 -13.49 34.17 -8.71
C SER D 53 -14.66 35.12 -8.94
N VAL D 54 -15.40 35.40 -7.87
CA VAL D 54 -16.55 36.30 -7.93
C VAL D 54 -16.14 37.74 -7.60
N LEU D 55 -15.05 37.89 -6.85
CA LEU D 55 -14.54 39.21 -6.50
C LEU D 55 -13.77 39.85 -7.67
N PRO D 56 -13.73 41.21 -7.72
CA PRO D 56 -12.79 41.90 -8.59
C PRO D 56 -11.37 41.38 -8.35
N PRO D 57 -10.65 41.02 -9.43
CA PRO D 57 -9.30 40.45 -9.38
C PRO D 57 -8.33 41.15 -8.42
N SER D 58 -8.50 42.46 -8.24
CA SER D 58 -7.63 43.29 -7.39
C SER D 58 -7.85 42.95 -5.92
N VAL D 59 -9.12 42.88 -5.53
CA VAL D 59 -9.56 42.56 -4.18
C VAL D 59 -9.16 41.12 -3.82
N ALA D 60 -9.34 40.22 -4.78
CA ALA D 60 -8.98 38.80 -4.63
C ALA D 60 -7.49 38.58 -4.38
N ASN D 61 -6.65 39.36 -5.06
CA ASN D 61 -5.20 39.29 -4.92
C ASN D 61 -4.72 39.68 -3.52
N GLU D 62 -5.37 40.71 -2.97
CA GLU D 62 -5.10 41.17 -1.61
C GLU D 62 -5.35 40.08 -0.57
N LEU D 63 -6.51 39.42 -0.67
CA LEU D 63 -6.90 38.35 0.26
C LEU D 63 -5.96 37.15 0.24
N ARG D 64 -5.46 36.81 -0.95
CA ARG D 64 -4.56 35.66 -1.14
C ARG D 64 -3.10 36.08 -1.13
N GLY E 1 -11.03 25.36 -28.51
CA GLY E 1 -10.29 26.37 -27.71
C GLY E 1 -8.82 26.04 -27.56
N SER E 2 -8.05 27.02 -27.09
CA SER E 2 -6.60 26.84 -26.84
C SER E 2 -6.28 26.91 -25.34
N HIS E 3 -5.28 26.13 -24.93
CA HIS E 3 -4.94 26.00 -23.51
C HIS E 3 -3.45 25.80 -23.32
N ALA E 5 -0.49 27.53 -20.58
CA ALA E 5 0.57 28.52 -20.44
C ALA E 5 1.93 27.81 -20.52
N THR E 6 2.98 28.57 -20.77
CA THR E 6 4.35 28.03 -20.80
C THR E 6 4.70 27.31 -19.49
N ARG E 7 4.23 27.87 -18.37
CA ARG E 7 4.43 27.31 -17.04
C ARG E 7 3.86 25.89 -16.90
N ASP E 8 2.63 25.71 -17.36
CA ASP E 8 1.97 24.41 -17.33
C ASP E 8 2.70 23.41 -18.22
N LEU E 9 3.16 23.84 -19.41
CA LEU E 9 3.89 22.94 -20.33
C LEU E 9 5.20 22.49 -19.72
N VAL E 10 5.92 23.42 -19.08
CA VAL E 10 7.15 23.13 -18.37
C VAL E 10 6.89 22.05 -17.32
N LEU E 11 5.83 22.23 -16.53
CA LEU E 11 5.49 21.31 -15.44
C LEU E 11 5.08 19.92 -15.94
N LEU E 12 4.40 19.89 -17.08
CA LEU E 12 4.02 18.63 -17.70
C LEU E 12 5.27 17.91 -18.20
N GLY E 13 6.21 18.67 -18.77
CA GLY E 13 7.48 18.11 -19.21
C GLY E 13 8.24 17.50 -18.04
N GLU E 14 8.16 18.17 -16.88
CA GLU E 14 8.82 17.69 -15.66
C GLU E 14 8.18 16.41 -15.11
N GLN E 15 6.86 16.31 -15.20
CA GLN E 15 6.13 15.08 -14.91
C GLN E 15 6.56 13.90 -15.80
N PHE E 16 6.78 14.18 -17.08
CA PHE E 16 7.19 13.13 -18.00
C PHE E 16 8.56 12.63 -17.61
N ARG E 17 9.45 13.56 -17.23
CA ARG E 17 10.78 13.25 -16.77
C ARG E 17 10.77 12.40 -15.51
N GLU E 18 9.91 12.75 -14.56
CA GLU E 18 9.79 11.99 -13.31
C GLU E 18 9.29 10.58 -13.56
N GLU E 19 8.25 10.45 -14.37
CA GLU E 19 7.70 9.14 -14.65
C GLU E 19 8.72 8.29 -15.37
N TYR E 20 9.50 8.93 -16.24
CA TYR E 20 10.54 8.24 -16.98
C TYR E 20 11.65 7.72 -16.05
N LYS E 21 12.02 8.48 -15.03
CA LYS E 21 12.99 8.01 -14.04
C LYS E 21 12.50 6.74 -13.34
N LEU E 22 11.21 6.71 -12.99
CA LEU E 22 10.58 5.54 -12.38
C LEU E 22 10.50 4.33 -13.31
N THR E 23 10.26 4.58 -14.59
CA THR E 23 10.21 3.53 -15.60
C THR E 23 11.60 2.89 -15.79
N GLN E 24 12.65 3.70 -15.66
CA GLN E 24 14.03 3.19 -15.67
C GLN E 24 14.31 2.30 -14.46
N GLU E 25 13.78 2.68 -13.31
CA GLU E 25 13.88 1.86 -12.11
C GLU E 25 13.16 0.52 -12.27
N LEU E 26 11.97 0.54 -12.89
CA LEU E 26 11.27 -0.72 -13.24
C LEU E 26 12.09 -1.60 -14.20
N GLU E 27 12.74 -0.99 -15.19
CA GLU E 27 13.61 -1.70 -16.12
C GLU E 27 14.80 -2.36 -15.41
N LEU E 29 15.03 -3.11 -12.19
CA LEU E 29 14.57 -4.14 -11.25
C LEU E 29 14.16 -5.45 -11.93
N THR E 30 13.49 -5.34 -13.09
CA THR E 30 13.06 -6.50 -13.85
C THR E 30 14.25 -7.19 -14.54
N ASP E 31 15.24 -6.41 -14.96
CA ASP E 31 16.53 -6.98 -15.43
C ASP E 31 17.19 -7.81 -14.33
N ARG E 32 17.24 -7.27 -13.11
CA ARG E 32 17.78 -7.98 -11.95
C ARG E 32 16.99 -9.24 -11.58
N LEU E 33 15.67 -9.17 -11.66
CA LEU E 33 14.86 -10.37 -11.50
C LEU E 33 15.26 -11.48 -12.45
N GLN E 34 15.42 -11.15 -13.73
CA GLN E 34 15.78 -12.12 -14.77
C GLN E 34 17.14 -12.72 -14.49
N LEU E 35 18.09 -11.87 -14.11
CA LEU E 35 19.40 -12.29 -13.63
C LEU E 35 19.36 -13.24 -12.42
N THR E 36 18.55 -12.92 -11.42
CA THR E 36 18.43 -13.73 -10.22
C THR E 36 17.73 -15.07 -10.49
N LEU E 37 16.72 -15.03 -11.37
CA LEU E 37 16.04 -16.25 -11.83
C LEU E 37 16.97 -17.21 -12.56
N ARG E 38 17.83 -16.65 -13.41
CA ARG E 38 18.86 -17.41 -14.09
C ARG E 38 19.87 -18.02 -13.10
N ALA E 39 20.25 -17.27 -12.07
CA ALA E 39 21.15 -17.81 -11.04
C ALA E 39 20.47 -18.94 -10.27
N LEU E 40 19.18 -18.80 -9.98
CA LEU E 40 18.42 -19.84 -9.28
C LEU E 40 18.28 -21.11 -10.12
N GLU E 41 18.09 -20.94 -11.41
CA GLU E 41 18.10 -22.05 -12.35
C GLU E 41 19.45 -22.81 -12.36
N ASP E 42 20.54 -22.05 -12.39
CA ASP E 42 21.90 -22.62 -12.25
C ASP E 42 22.10 -23.41 -10.96
N GLU E 43 21.65 -22.86 -9.83
CA GLU E 43 21.74 -23.57 -8.55
C GLU E 43 20.88 -24.84 -8.52
N LYS E 44 19.65 -24.76 -9.03
CA LYS E 44 18.71 -25.89 -9.03
C LYS E 44 19.22 -27.06 -9.86
N LYS E 45 19.88 -26.74 -10.97
CA LYS E 45 20.52 -27.74 -11.80
C LYS E 45 21.66 -28.44 -11.06
N LYS E 46 22.47 -27.69 -10.30
CA LYS E 46 23.51 -28.27 -9.42
C LYS E 46 22.94 -29.16 -8.29
N THR E 47 21.82 -28.75 -7.71
CA THR E 47 21.14 -29.51 -6.66
C THR E 47 20.63 -30.83 -7.23
N ASP E 48 20.04 -30.73 -8.41
CA ASP E 48 19.46 -31.87 -9.12
C ASP E 48 20.54 -32.91 -9.43
N THR E 49 21.67 -32.49 -10.00
CA THR E 49 22.73 -33.46 -10.29
C THR E 49 23.31 -34.07 -9.01
N LEU E 50 23.44 -33.26 -7.96
CA LEU E 50 23.87 -33.77 -6.68
C LEU E 50 22.92 -34.84 -6.12
N LEU E 51 21.62 -34.57 -6.12
CA LEU E 51 20.64 -35.50 -5.56
C LEU E 51 20.72 -36.89 -6.22
N TYR E 52 20.74 -36.90 -7.55
CA TYR E 52 20.73 -38.13 -8.31
C TYR E 52 22.11 -38.79 -8.51
N SER E 53 23.18 -38.03 -8.21
CA SER E 53 24.57 -38.51 -8.33
C SER E 53 24.87 -39.63 -7.36
N VAL E 54 24.12 -39.68 -6.26
CA VAL E 54 24.32 -40.69 -5.23
C VAL E 54 23.63 -42.05 -5.54
N LEU E 55 22.78 -42.08 -6.55
CA LEU E 55 22.11 -43.30 -7.03
C LEU E 55 22.92 -44.06 -8.08
N PRO E 56 22.67 -45.39 -8.23
CA PRO E 56 23.22 -46.12 -9.39
C PRO E 56 22.65 -45.54 -10.68
N PRO E 57 23.52 -45.29 -11.68
CA PRO E 57 23.16 -44.43 -12.84
C PRO E 57 21.96 -44.89 -13.69
N SER E 58 21.71 -46.19 -13.75
CA SER E 58 20.54 -46.70 -14.46
C SER E 58 19.25 -46.41 -13.69
N VAL E 59 19.32 -46.51 -12.36
CA VAL E 59 18.22 -46.13 -11.45
C VAL E 59 17.93 -44.63 -11.55
N ALA E 60 19.00 -43.83 -11.47
CA ALA E 60 18.93 -42.37 -11.67
C ALA E 60 18.27 -42.03 -13.00
N ASN E 61 18.60 -42.79 -14.04
CA ASN E 61 17.99 -42.63 -15.35
C ASN E 61 16.47 -42.80 -15.39
N GLU E 62 15.97 -43.83 -14.70
CA GLU E 62 14.53 -44.13 -14.68
C GLU E 62 13.70 -43.12 -13.92
N LEU E 63 14.24 -42.59 -12.82
CA LEU E 63 13.41 -41.82 -11.88
C LEU E 63 13.54 -40.30 -11.94
N ARG E 64 14.64 -39.81 -12.51
CA ARG E 64 14.76 -38.38 -12.81
C ARG E 64 13.61 -37.87 -13.68
N ALA F 5 27.40 -40.00 1.01
CA ALA F 5 28.41 -39.70 2.02
C ALA F 5 28.10 -38.38 2.75
N THR F 6 28.78 -38.14 3.87
CA THR F 6 28.60 -36.88 4.63
C THR F 6 28.87 -35.67 3.76
N ARG F 7 29.90 -35.79 2.90
CA ARG F 7 30.29 -34.74 1.99
C ARG F 7 29.12 -34.27 1.11
N ASP F 8 28.45 -35.22 0.45
CA ASP F 8 27.33 -34.93 -0.41
C ASP F 8 26.14 -34.37 0.36
N LEU F 9 25.91 -34.89 1.55
CA LEU F 9 24.86 -34.41 2.42
C LEU F 9 25.11 -32.96 2.85
N VAL F 10 26.35 -32.67 3.25
CA VAL F 10 26.75 -31.30 3.59
C VAL F 10 26.50 -30.41 2.37
N LEU F 11 26.97 -30.84 1.21
CA LEU F 11 26.82 -30.04 -0.01
C LEU F 11 25.37 -29.82 -0.46
N LEU F 12 24.50 -30.78 -0.17
CA LEU F 12 23.07 -30.65 -0.48
C LEU F 12 22.44 -29.65 0.48
N GLY F 13 22.92 -29.66 1.72
CA GLY F 13 22.55 -28.66 2.71
C GLY F 13 22.87 -27.26 2.22
N GLU F 14 24.08 -27.07 1.71
CA GLU F 14 24.53 -25.77 1.20
C GLU F 14 23.80 -25.28 -0.06
N GLN F 15 23.42 -26.21 -0.94
CA GLN F 15 22.57 -25.91 -2.09
C GLN F 15 21.23 -25.28 -1.69
N PHE F 16 20.60 -25.83 -0.65
CA PHE F 16 19.31 -25.34 -0.17
C PHE F 16 19.50 -23.93 0.39
N ARG F 17 20.63 -23.70 1.06
CA ARG F 17 21.03 -22.39 1.56
C ARG F 17 21.18 -21.36 0.46
N GLU F 18 21.88 -21.74 -0.61
CA GLU F 18 22.18 -20.85 -1.75
C GLU F 18 20.89 -20.46 -2.47
N GLU F 19 20.02 -21.44 -2.66
CA GLU F 19 18.73 -21.23 -3.31
C GLU F 19 17.84 -20.27 -2.51
N TYR F 20 17.81 -20.45 -1.19
CA TYR F 20 17.13 -19.53 -0.27
C TYR F 20 17.64 -18.10 -0.35
N LYS F 21 18.95 -17.93 -0.50
CA LYS F 21 19.52 -16.61 -0.64
C LYS F 21 18.98 -15.98 -1.92
N LEU F 22 18.83 -16.78 -2.97
CA LEU F 22 18.35 -16.27 -4.24
C LEU F 22 16.87 -15.93 -4.21
N THR F 23 16.06 -16.77 -3.55
CA THR F 23 14.62 -16.49 -3.42
C THR F 23 14.34 -15.28 -2.52
N GLN F 24 15.26 -15.04 -1.57
CA GLN F 24 15.27 -13.85 -0.72
C GLN F 24 15.49 -12.59 -1.58
N GLU F 25 16.46 -12.67 -2.49
CA GLU F 25 16.74 -11.57 -3.41
C GLU F 25 15.56 -11.32 -4.34
N LEU F 26 14.92 -12.38 -4.84
CA LEU F 26 13.69 -12.23 -5.64
C LEU F 26 12.58 -11.51 -4.90
N GLU F 27 12.39 -11.88 -3.64
CA GLU F 27 11.37 -11.24 -2.81
C GLU F 27 11.69 -9.78 -2.56
N LEU F 29 13.55 -7.82 -4.53
CA LEU F 29 13.37 -7.14 -5.82
C LEU F 29 11.90 -6.87 -6.15
N THR F 30 11.05 -7.84 -5.85
CA THR F 30 9.62 -7.75 -6.15
C THR F 30 8.95 -6.75 -5.22
N ASP F 31 9.43 -6.66 -3.98
CA ASP F 31 8.97 -5.62 -3.05
C ASP F 31 9.30 -4.26 -3.60
N ARG F 32 10.53 -4.10 -4.12
CA ARG F 32 10.96 -2.83 -4.72
C ARG F 32 10.14 -2.49 -5.97
N LEU F 33 9.79 -3.50 -6.77
CA LEU F 33 8.89 -3.33 -7.92
C LEU F 33 7.54 -2.78 -7.52
N GLN F 34 6.97 -3.34 -6.44
CA GLN F 34 5.65 -2.93 -5.95
C GLN F 34 5.67 -1.48 -5.51
N LEU F 35 6.76 -1.08 -4.86
CA LEU F 35 6.94 0.27 -4.36
C LEU F 35 7.13 1.24 -5.51
N THR F 36 7.86 0.79 -6.53
CA THR F 36 8.10 1.64 -7.68
C THR F 36 6.82 1.84 -8.48
N LEU F 37 6.02 0.80 -8.59
CA LEU F 37 4.74 0.91 -9.29
C LEU F 37 3.73 1.84 -8.59
N ARG F 38 3.67 1.75 -7.27
CA ARG F 38 2.90 2.70 -6.46
C ARG F 38 3.40 4.13 -6.61
N ALA F 39 4.72 4.31 -6.63
CA ALA F 39 5.31 5.62 -6.88
C ALA F 39 4.93 6.15 -8.28
N LEU F 40 4.93 5.28 -9.27
CA LEU F 40 4.52 5.68 -10.63
C LEU F 40 3.03 6.01 -10.74
N GLU F 41 2.22 5.23 -10.04
CA GLU F 41 0.78 5.46 -9.92
C GLU F 41 0.50 6.84 -9.32
N ASP F 42 1.27 7.21 -8.30
CA ASP F 42 1.15 8.52 -7.67
C ASP F 42 1.61 9.65 -8.59
N GLU F 43 2.68 9.42 -9.34
CA GLU F 43 3.17 10.43 -10.25
C GLU F 43 2.16 10.65 -11.37
N LYS F 44 1.57 9.57 -11.85
CA LYS F 44 0.58 9.64 -12.94
C LYS F 44 -0.71 10.39 -12.57
N LYS F 45 -1.15 10.22 -11.33
CA LYS F 45 -2.28 10.97 -10.80
C LYS F 45 -1.98 12.49 -10.86
N LYS F 46 -0.76 12.88 -10.49
CA LYS F 46 -0.33 14.26 -10.62
C LYS F 46 -0.30 14.78 -12.06
N THR F 47 0.15 13.93 -12.99
CA THR F 47 0.23 14.34 -14.39
C THR F 47 -1.19 14.57 -14.93
N ASP F 48 -2.09 13.64 -14.60
CA ASP F 48 -3.49 13.73 -14.98
C ASP F 48 -4.15 15.02 -14.43
N THR F 49 -3.93 15.31 -13.16
CA THR F 49 -4.49 16.50 -12.52
C THR F 49 -4.00 17.73 -13.26
N LEU F 50 -2.71 17.76 -13.55
CA LEU F 50 -2.12 18.84 -14.30
C LEU F 50 -2.73 19.02 -15.70
N LEU F 51 -2.90 17.93 -16.43
CA LEU F 51 -3.38 18.04 -17.82
C LEU F 51 -4.80 18.66 -17.84
N TYR F 52 -5.64 18.17 -16.95
CA TYR F 52 -7.04 18.58 -16.95
C TYR F 52 -7.31 19.86 -16.17
N SER F 53 -6.30 20.35 -15.45
CA SER F 53 -6.40 21.58 -14.65
C SER F 53 -6.57 22.84 -15.50
N VAL F 54 -6.11 22.80 -16.75
CA VAL F 54 -6.22 23.95 -17.65
C VAL F 54 -7.61 24.10 -18.28
N LEU F 55 -8.49 23.16 -17.99
CA LEU F 55 -9.85 23.16 -18.53
C LEU F 55 -10.87 23.65 -17.52
N PRO F 56 -11.98 24.26 -18.00
CA PRO F 56 -13.10 24.46 -17.09
C PRO F 56 -13.55 23.11 -16.54
N PRO F 57 -13.81 23.07 -15.21
CA PRO F 57 -14.20 21.86 -14.48
C PRO F 57 -15.22 20.98 -15.19
N SER F 58 -16.28 21.58 -15.72
CA SER F 58 -17.33 20.83 -16.39
C SER F 58 -16.82 20.14 -17.68
N VAL F 59 -15.92 20.80 -18.41
CA VAL F 59 -15.30 20.20 -19.61
C VAL F 59 -14.38 19.04 -19.21
N ALA F 60 -13.50 19.33 -18.24
CA ALA F 60 -12.57 18.34 -17.70
C ALA F 60 -13.29 17.08 -17.22
N ASN F 61 -14.41 17.26 -16.52
CA ASN F 61 -15.17 16.13 -15.99
C ASN F 61 -15.86 15.29 -17.08
N GLU F 62 -16.22 15.92 -18.19
CA GLU F 62 -16.75 15.22 -19.35
C GLU F 62 -15.68 14.43 -20.11
N LEU F 63 -14.48 15.01 -20.19
CA LEU F 63 -13.41 14.49 -21.05
C LEU F 63 -12.55 13.40 -20.41
N ARG F 64 -12.30 13.51 -19.10
CA ARG F 64 -11.35 12.62 -18.44
C ARG F 64 -11.81 11.17 -18.29
N HIS F 65 -10.84 10.24 -18.36
CA HIS F 65 -10.99 8.76 -18.20
C HIS F 65 -10.67 7.87 -19.43
N SER G 2 -2.39 29.33 -23.59
CA SER G 2 -3.10 29.03 -24.86
C SER G 2 -2.19 28.43 -25.94
N HIS G 3 -1.36 27.45 -25.57
CA HIS G 3 -0.46 26.83 -26.54
C HIS G 3 -0.96 25.56 -27.23
N ALA G 5 -4.52 23.14 -28.61
CA ALA G 5 -5.94 22.91 -28.93
C ALA G 5 -6.58 21.85 -28.04
N THR G 6 -7.89 21.98 -27.84
CA THR G 6 -8.67 21.03 -27.09
C THR G 6 -8.52 19.59 -27.61
N ARG G 7 -8.64 19.40 -28.93
CA ARG G 7 -8.45 18.07 -29.55
C ARG G 7 -7.11 17.43 -29.14
N ASP G 8 -6.07 18.25 -29.05
CA ASP G 8 -4.73 17.77 -28.74
C ASP G 8 -4.57 17.40 -27.27
N LEU G 9 -5.19 18.18 -26.39
CA LEU G 9 -5.26 17.80 -24.99
C LEU G 9 -5.93 16.43 -24.86
N VAL G 10 -7.01 16.24 -25.61
CA VAL G 10 -7.69 14.95 -25.64
C VAL G 10 -6.79 13.83 -26.20
N LEU G 11 -6.06 14.10 -27.28
CA LEU G 11 -5.08 13.10 -27.78
C LEU G 11 -4.02 12.74 -26.71
N LEU G 12 -3.52 13.74 -26.00
CA LEU G 12 -2.65 13.48 -24.82
C LEU G 12 -3.30 12.60 -23.77
N GLY G 13 -4.54 12.92 -23.40
CA GLY G 13 -5.33 12.05 -22.49
C GLY G 13 -5.49 10.61 -22.94
N GLU G 14 -5.55 10.38 -24.25
CA GLU G 14 -5.62 9.03 -24.79
C GLU G 14 -4.28 8.30 -24.63
N GLN G 15 -3.17 9.00 -24.84
CA GLN G 15 -1.83 8.44 -24.56
C GLN G 15 -1.67 8.04 -23.09
N PHE G 16 -2.15 8.89 -22.17
CA PHE G 16 -2.08 8.61 -20.74
C PHE G 16 -2.88 7.38 -20.40
N ARG G 17 -4.03 7.24 -21.05
CA ARG G 17 -4.88 6.06 -20.92
C ARG G 17 -4.17 4.79 -21.41
N GLU G 18 -3.49 4.87 -22.55
CA GLU G 18 -2.69 3.71 -23.02
C GLU G 18 -1.62 3.32 -21.99
N GLU G 19 -0.89 4.33 -21.52
CA GLU G 19 0.13 4.13 -20.49
C GLU G 19 -0.46 3.53 -19.23
N TYR G 20 -1.63 4.04 -18.81
CA TYR G 20 -2.33 3.49 -17.65
C TYR G 20 -2.72 2.01 -17.73
N LYS G 21 -3.17 1.58 -18.91
CA LYS G 21 -3.51 0.16 -19.12
C LYS G 21 -2.27 -0.73 -18.99
N LEU G 22 -1.13 -0.21 -19.43
CA LEU G 22 0.12 -0.95 -19.30
C LEU G 22 0.56 -1.08 -17.84
N THR G 23 0.48 0.02 -17.09
CA THR G 23 0.85 -0.01 -15.65
C THR G 23 -0.09 -0.90 -14.85
N GLN G 24 -1.35 -0.97 -15.25
CA GLN G 24 -2.30 -1.87 -14.59
C GLN G 24 -1.90 -3.34 -14.86
N GLU G 25 -1.43 -3.63 -16.07
CA GLU G 25 -0.91 -4.97 -16.39
C GLU G 25 0.33 -5.30 -15.57
N LEU G 26 1.26 -4.34 -15.48
CA LEU G 26 2.44 -4.45 -14.60
C LEU G 26 2.08 -4.78 -13.14
N GLU G 27 1.10 -4.06 -12.60
CA GLU G 27 0.63 -4.30 -11.23
C GLU G 27 0.05 -5.70 -11.04
N LEU G 29 0.72 -8.35 -12.92
CA LEU G 29 1.82 -9.31 -13.04
C LEU G 29 2.69 -9.38 -11.80
N THR G 30 2.89 -8.22 -11.17
CA THR G 30 3.73 -8.15 -9.98
C THR G 30 3.02 -8.79 -8.79
N ASP G 31 1.70 -8.66 -8.74
CA ASP G 31 0.90 -9.36 -7.70
C ASP G 31 0.97 -10.86 -7.86
N ARG G 32 0.90 -11.32 -9.11
CA ARG G 32 0.98 -12.76 -9.40
C ARG G 32 2.35 -13.29 -9.06
N LEU G 33 3.37 -12.48 -9.34
CA LEU G 33 4.75 -12.78 -8.99
C LEU G 33 4.91 -12.93 -7.48
N GLN G 34 4.30 -12.03 -6.71
CA GLN G 34 4.46 -12.09 -5.27
C GLN G 34 3.72 -13.27 -4.68
N LEU G 35 2.58 -13.62 -5.28
CA LEU G 35 1.87 -14.87 -4.96
C LEU G 35 2.64 -16.15 -5.34
N THR G 36 3.32 -16.17 -6.48
CA THR G 36 4.09 -17.36 -6.89
C THR G 36 5.32 -17.57 -6.00
N LEU G 37 5.94 -16.47 -5.58
CA LEU G 37 7.04 -16.50 -4.64
C LEU G 37 6.64 -17.02 -3.25
N ARG G 38 5.48 -16.61 -2.74
CA ARG G 38 4.92 -17.14 -1.48
C ARG G 38 4.75 -18.65 -1.55
N ALA G 39 4.16 -19.11 -2.65
CA ALA G 39 4.00 -20.52 -2.93
C ALA G 39 5.34 -21.25 -3.00
N LEU G 40 6.35 -20.62 -3.64
CA LEU G 40 7.70 -21.19 -3.68
C LEU G 40 8.31 -21.27 -2.28
N GLU G 41 8.10 -20.23 -1.47
CA GLU G 41 8.52 -20.21 -0.06
C GLU G 41 7.89 -21.34 0.77
N ASP G 42 6.59 -21.56 0.58
CA ASP G 42 5.86 -22.65 1.26
C ASP G 42 6.35 -24.04 0.83
N GLU G 43 6.58 -24.18 -0.48
CA GLU G 43 7.12 -25.41 -1.05
C GLU G 43 8.50 -25.74 -0.47
N LYS G 44 9.40 -24.77 -0.46
CA LYS G 44 10.75 -24.97 0.09
C LYS G 44 10.76 -25.34 1.57
N LYS G 45 9.92 -24.69 2.37
CA LYS G 45 9.75 -25.04 3.79
C LYS G 45 9.34 -26.50 3.96
N LYS G 46 8.44 -26.96 3.08
CA LYS G 46 8.09 -28.37 2.99
C LYS G 46 9.26 -29.26 2.57
N THR G 47 10.08 -28.78 1.64
CA THR G 47 11.26 -29.56 1.20
C THR G 47 12.29 -29.69 2.32
N ASP G 48 12.50 -28.60 3.06
CA ASP G 48 13.36 -28.61 4.25
C ASP G 48 12.91 -29.67 5.25
N THR G 49 11.61 -29.63 5.56
CA THR G 49 10.99 -30.59 6.47
C THR G 49 11.32 -32.01 6.05
N LEU G 50 11.15 -32.31 4.77
CA LEU G 50 11.41 -33.64 4.24
C LEU G 50 12.85 -34.09 4.50
N LEU G 51 13.84 -33.29 4.07
CA LEU G 51 15.25 -33.71 4.14
C LEU G 51 15.66 -34.08 5.57
N TYR G 52 15.35 -33.19 6.50
CA TYR G 52 15.77 -33.34 7.88
C TYR G 52 14.98 -34.43 8.58
N SER G 53 13.70 -34.59 8.23
CA SER G 53 12.84 -35.61 8.83
C SER G 53 13.30 -37.03 8.49
N VAL G 54 14.10 -37.15 7.44
CA VAL G 54 14.56 -38.43 6.93
C VAL G 54 15.97 -38.76 7.45
N LEU G 55 16.58 -37.81 8.14
CA LEU G 55 17.93 -37.99 8.67
C LEU G 55 17.91 -38.33 10.17
N PRO G 56 18.90 -39.12 10.62
CA PRO G 56 19.10 -39.40 12.07
C PRO G 56 18.97 -38.13 12.90
N PRO G 57 18.12 -38.15 13.95
CA PRO G 57 17.75 -36.97 14.76
C PRO G 57 18.91 -36.09 15.26
N SER G 58 20.15 -36.48 14.96
CA SER G 58 21.34 -35.70 15.33
C SER G 58 22.06 -35.18 14.09
N VAL G 59 22.12 -36.01 13.05
CA VAL G 59 22.76 -35.67 11.76
C VAL G 59 22.04 -34.51 11.07
N ALA G 60 20.71 -34.52 11.13
CA ALA G 60 19.88 -33.43 10.64
C ALA G 60 20.08 -32.16 11.47
N ASN G 61 20.19 -32.36 12.78
CA ASN G 61 20.42 -31.28 13.76
C ASN G 61 21.79 -30.62 13.59
N GLU G 62 22.73 -31.35 13.00
CA GLU G 62 24.04 -30.83 12.69
C GLU G 62 24.01 -29.91 11.46
N LEU G 63 23.36 -30.36 10.39
CA LEU G 63 23.26 -29.61 9.12
C LEU G 63 22.71 -28.19 9.26
N ARG G 64 21.79 -28.00 10.20
CA ARG G 64 21.15 -26.72 10.44
C ARG G 64 22.05 -25.74 11.20
N SER H 2 26.24 -44.92 2.88
CA SER H 2 25.07 -44.08 2.50
C SER H 2 24.29 -43.59 3.73
N HIS H 3 23.78 -42.37 3.63
CA HIS H 3 22.98 -41.74 4.69
C HIS H 3 21.47 -41.88 4.43
N ALA H 5 17.84 -43.39 1.99
CA ALA H 5 17.10 -44.48 1.31
C ALA H 5 16.35 -44.01 0.06
N THR H 6 16.24 -44.92 -0.92
CA THR H 6 15.72 -44.62 -2.26
C THR H 6 14.36 -43.93 -2.25
N ARG H 7 13.43 -44.48 -1.49
CA ARG H 7 12.10 -43.88 -1.33
C ARG H 7 12.19 -42.38 -0.98
N ASP H 8 13.19 -42.04 -0.16
CA ASP H 8 13.40 -40.67 0.32
C ASP H 8 14.05 -39.72 -0.68
N LEU H 9 14.99 -40.22 -1.47
CA LEU H 9 15.48 -39.45 -2.63
C LEU H 9 14.37 -39.07 -3.61
N VAL H 10 13.41 -39.98 -3.80
CA VAL H 10 12.36 -39.77 -4.77
C VAL H 10 11.36 -38.78 -4.19
N LEU H 11 11.11 -38.89 -2.89
CA LEU H 11 10.24 -37.92 -2.24
C LEU H 11 10.85 -36.52 -2.39
N LEU H 12 12.17 -36.45 -2.26
CA LEU H 12 12.96 -35.21 -2.39
C LEU H 12 12.95 -34.65 -3.81
N GLY H 13 13.09 -35.53 -4.80
CA GLY H 13 12.83 -35.19 -6.22
C GLY H 13 11.42 -34.69 -6.54
N GLU H 14 10.43 -35.18 -5.81
CA GLU H 14 9.08 -34.72 -6.08
C GLU H 14 8.88 -33.33 -5.52
N GLN H 15 9.55 -33.04 -4.40
CA GLN H 15 9.59 -31.68 -3.86
C GLN H 15 10.33 -30.72 -4.80
N PHE H 16 11.46 -31.16 -5.37
CA PHE H 16 12.22 -30.27 -6.27
C PHE H 16 11.39 -29.92 -7.49
N ARG H 17 10.63 -30.90 -7.98
CA ARG H 17 9.73 -30.71 -9.11
C ARG H 17 8.64 -29.69 -8.78
N GLU H 18 8.00 -29.85 -7.62
CA GLU H 18 7.02 -28.87 -7.17
C GLU H 18 7.60 -27.45 -7.31
N GLU H 19 8.88 -27.29 -6.95
CA GLU H 19 9.62 -26.03 -7.03
C GLU H 19 9.95 -25.56 -8.47
N TYR H 20 10.44 -26.44 -9.34
CA TYR H 20 10.66 -26.09 -10.75
C TYR H 20 9.43 -25.50 -11.43
N LYS H 21 8.27 -26.11 -11.21
CA LYS H 21 7.03 -25.62 -11.81
C LYS H 21 6.78 -24.17 -11.38
N LEU H 22 7.10 -23.87 -10.12
CA LEU H 22 6.91 -22.54 -9.58
C LEU H 22 7.91 -21.54 -10.18
N THR H 23 9.17 -21.95 -10.35
CA THR H 23 10.19 -21.09 -10.97
C THR H 23 9.90 -20.86 -12.45
N GLN H 24 9.28 -21.84 -13.09
CA GLN H 24 8.79 -21.69 -14.47
C GLN H 24 7.70 -20.62 -14.56
N GLU H 25 6.79 -20.61 -13.58
CA GLU H 25 5.77 -19.56 -13.49
C GLU H 25 6.39 -18.17 -13.25
N LEU H 26 7.39 -18.10 -12.37
CA LEU H 26 8.19 -16.87 -12.16
C LEU H 26 8.85 -16.36 -13.45
N GLU H 27 9.47 -17.26 -14.19
CA GLU H 27 10.09 -16.88 -15.46
C GLU H 27 9.07 -16.40 -16.50
N LEU H 29 6.09 -15.07 -15.81
CA LEU H 29 5.59 -13.78 -15.35
C LEU H 29 6.62 -12.68 -15.57
N THR H 30 7.90 -12.99 -15.33
CA THR H 30 8.96 -12.00 -15.51
C THR H 30 9.14 -11.61 -16.98
N ASP H 31 8.95 -12.58 -17.88
CA ASP H 31 8.99 -12.32 -19.32
C ASP H 31 7.86 -11.41 -19.77
N ARG H 32 6.67 -11.65 -19.24
CA ARG H 32 5.51 -10.78 -19.46
C ARG H 32 5.71 -9.39 -18.87
N LEU H 33 6.40 -9.29 -17.74
CA LEU H 33 6.75 -7.98 -17.17
C LEU H 33 7.66 -7.17 -18.10
N GLN H 34 8.70 -7.81 -18.62
CA GLN H 34 9.59 -7.11 -19.51
C GLN H 34 8.91 -6.72 -20.82
N LEU H 35 8.09 -7.62 -21.36
CA LEU H 35 7.31 -7.34 -22.58
C LEU H 35 6.37 -6.13 -22.39
N THR H 36 5.67 -6.07 -21.26
CA THR H 36 4.74 -4.97 -20.95
C THR H 36 5.53 -3.68 -20.76
N LEU H 37 6.71 -3.79 -20.15
CA LEU H 37 7.58 -2.64 -19.90
C LEU H 37 8.14 -2.06 -21.19
N ARG H 38 8.55 -2.91 -22.14
CA ARG H 38 8.99 -2.41 -23.44
C ARG H 38 7.85 -1.62 -24.08
N ALA H 39 6.64 -2.15 -24.00
CA ALA H 39 5.46 -1.48 -24.57
C ALA H 39 5.18 -0.15 -23.89
N LEU H 40 5.47 -0.07 -22.59
CA LEU H 40 5.33 1.19 -21.85
C LEU H 40 6.40 2.17 -22.24
N GLU H 41 7.62 1.70 -22.45
CA GLU H 41 8.68 2.56 -22.96
C GLU H 41 8.33 3.10 -24.35
N ASP H 42 7.75 2.28 -25.22
CA ASP H 42 7.33 2.72 -26.57
C ASP H 42 6.19 3.78 -26.49
N GLU H 43 5.17 3.51 -25.66
CA GLU H 43 4.10 4.51 -25.41
C GLU H 43 4.61 5.85 -24.87
N LYS H 44 5.51 5.79 -23.90
CA LYS H 44 6.10 7.02 -23.35
C LYS H 44 6.88 7.84 -24.37
N LYS H 45 7.61 7.18 -25.27
CA LYS H 45 8.29 7.92 -26.37
C LYS H 45 7.25 8.55 -27.29
N LYS H 46 6.21 7.78 -27.62
CA LYS H 46 5.10 8.28 -28.42
C LYS H 46 4.41 9.49 -27.76
N THR H 47 4.12 9.38 -26.47
CA THR H 47 3.52 10.50 -25.72
C THR H 47 4.41 11.76 -25.75
N ASP H 48 5.70 11.61 -25.50
CA ASP H 48 6.62 12.74 -25.52
C ASP H 48 6.65 13.42 -26.91
N THR H 49 6.64 12.60 -27.97
CA THR H 49 6.61 13.12 -29.33
C THR H 49 5.30 13.87 -29.61
N LEU H 50 4.19 13.29 -29.16
CA LEU H 50 2.88 13.90 -29.33
C LEU H 50 2.88 15.31 -28.75
N LEU H 51 3.32 15.45 -27.50
CA LEU H 51 3.31 16.73 -26.81
C LEU H 51 4.07 17.82 -27.57
N TYR H 52 5.30 17.52 -27.98
CA TYR H 52 6.11 18.55 -28.65
C TYR H 52 5.62 18.88 -30.06
N SER H 53 5.02 17.90 -30.75
CA SER H 53 4.51 18.08 -32.10
C SER H 53 3.25 18.94 -32.18
N VAL H 54 2.62 19.12 -31.03
CA VAL H 54 1.34 19.79 -30.92
C VAL H 54 1.51 21.26 -30.54
N LEU H 55 2.75 21.66 -30.31
CA LEU H 55 3.07 23.01 -29.89
C LEU H 55 3.75 23.75 -31.04
N PRO H 56 3.66 25.10 -31.06
CA PRO H 56 4.40 25.85 -32.07
C PRO H 56 5.89 25.55 -31.91
N PRO H 57 6.62 25.39 -33.03
CA PRO H 57 8.03 25.02 -32.88
C PRO H 57 8.78 25.97 -31.95
N SER H 58 8.43 27.26 -31.99
CA SER H 58 9.00 28.29 -31.12
C SER H 58 8.86 27.98 -29.62
N VAL H 59 7.77 27.31 -29.26
CA VAL H 59 7.47 26.98 -27.87
C VAL H 59 8.06 25.64 -27.46
N ALA H 60 8.06 24.68 -28.39
CA ALA H 60 8.59 23.34 -28.15
C ALA H 60 10.10 23.35 -27.91
N ASN H 61 10.81 24.13 -28.71
CA ASN H 61 12.28 24.19 -28.64
C ASN H 61 12.78 25.07 -27.49
N GLU H 62 11.98 26.07 -27.13
CA GLU H 62 12.21 26.87 -25.93
C GLU H 62 11.94 26.05 -24.67
N LEU H 63 11.41 24.84 -24.84
CA LEU H 63 11.09 23.92 -23.74
C LEU H 63 12.04 22.74 -23.68
N ARG H 64 12.68 22.42 -24.81
CA ARG H 64 13.64 21.32 -24.88
C ARG H 64 15.08 21.83 -24.94
#